data_6SHO
#
_entry.id   6SHO
#
_cell.length_a   113.980
_cell.length_b   71.020
_cell.length_c   81.340
_cell.angle_alpha   90.000
_cell.angle_beta   128.475
_cell.angle_gamma   90.000
#
_symmetry.space_group_name_H-M   'C 1 2 1'
#
loop_
_entity.id
_entity.type
_entity.pdbx_description
1 polymer 'Baculoviral IAP repeat-containing protein 5'
2 non-polymer 'ZINC ION'
#
_entity_poly.entity_id   1
_entity_poly.type   'polypeptide(L)'
_entity_poly.pdbx_seq_one_letter_code
;MGAPTLPPAWQPFLKDHRISTFKNWPFLEGCACTPERMAEAGFIHCPTENEPDLAQCFFCFKELEGWEPDDDPIEEHKKH
SSGCAFLSVKKQFEELTLGEFLKLDRERAKNKIAKETNNKKKEFEETAKKVRRAIEQLAAMD
;
_entity_poly.pdbx_strand_id   A,B
#
loop_
_chem_comp.id
_chem_comp.type
_chem_comp.name
_chem_comp.formula
ZN non-polymer 'ZINC ION' 'Zn 2'
#
# COMPACT_ATOMS: atom_id res chain seq x y z
N LEU A 6 -1.80 6.09 1.26
CA LEU A 6 -1.33 4.75 0.95
C LEU A 6 -0.38 4.23 2.05
N PRO A 7 -0.10 2.91 2.08
CA PRO A 7 0.46 2.30 3.30
C PRO A 7 1.65 3.08 3.79
N PRO A 8 1.61 3.57 5.02
CA PRO A 8 2.61 4.56 5.45
C PRO A 8 4.05 4.08 5.33
N ALA A 9 4.28 2.77 5.43
CA ALA A 9 5.61 2.21 5.22
C ALA A 9 6.06 2.35 3.79
N TRP A 10 5.13 2.53 2.86
CA TRP A 10 5.50 2.63 1.45
C TRP A 10 5.30 4.05 0.93
N GLN A 11 5.13 5.01 1.84
CA GLN A 11 4.91 6.40 1.44
C GLN A 11 6.17 7.08 0.96
N PRO A 12 7.35 6.81 1.55
CA PRO A 12 8.57 7.44 1.02
C PRO A 12 8.84 7.15 -0.43
N PHE A 13 8.12 6.24 -1.08
CA PHE A 13 8.36 6.12 -2.51
C PHE A 13 7.81 7.30 -3.30
N LEU A 14 7.05 8.16 -2.67
CA LEU A 14 6.31 9.21 -3.35
C LEU A 14 7.09 10.51 -3.27
N LYS A 15 7.49 11.04 -4.44
CA LYS A 15 8.35 12.23 -4.45
C LYS A 15 7.78 13.33 -3.60
N ASP A 16 6.49 13.55 -3.70
CA ASP A 16 5.89 14.64 -2.95
C ASP A 16 5.98 14.37 -1.46
N HIS A 17 5.85 13.11 -1.04
CA HIS A 17 5.97 12.82 0.38
C HIS A 17 7.38 13.15 0.89
N ARG A 18 8.38 12.75 0.12
CA ARG A 18 9.76 13.04 0.47
C ARG A 18 10.00 14.54 0.59
N ILE A 19 9.52 15.31 -0.40
CA ILE A 19 9.66 16.75 -0.35
C ILE A 19 9.09 17.28 0.94
N SER A 20 7.86 16.88 1.26
CA SER A 20 7.17 17.34 2.46
C SER A 20 8.00 17.14 3.73
N THR A 21 9.06 16.33 3.68
CA THR A 21 9.82 16.08 4.90
C THR A 21 10.69 17.26 5.31
N PHE A 22 11.24 17.97 4.33
CA PHE A 22 12.25 18.97 4.66
C PHE A 22 11.58 20.17 5.32
N LYS A 23 11.53 20.14 6.64
CA LYS A 23 11.05 21.25 7.45
C LYS A 23 12.24 22.05 7.93
N ASN A 24 12.22 23.36 7.68
CA ASN A 24 13.31 24.28 8.03
C ASN A 24 14.61 23.93 7.32
N TRP A 25 14.49 23.32 6.16
CA TRP A 25 15.67 23.08 5.34
C TRP A 25 16.26 24.43 4.94
N PRO A 26 17.54 24.64 5.17
CA PRO A 26 18.15 25.93 4.84
C PRO A 26 18.14 26.27 3.35
N PHE A 27 18.47 25.34 2.47
CA PHE A 27 18.78 25.71 1.10
C PHE A 27 17.48 25.77 0.29
N LEU A 28 17.22 26.93 -0.28
CA LEU A 28 15.99 27.18 -0.98
C LEU A 28 16.31 27.74 -2.34
N GLU A 29 15.52 28.69 -2.83
CA GLU A 29 15.75 29.26 -4.14
C GLU A 29 17.20 29.65 -4.32
N GLY A 30 17.71 29.47 -5.54
CA GLY A 30 19.10 29.73 -5.81
C GLY A 30 20.05 28.62 -5.44
N CYS A 31 19.59 27.58 -4.77
CA CYS A 31 20.44 26.48 -4.36
C CYS A 31 20.28 25.27 -5.27
N ALA A 32 21.32 24.46 -5.30
CA ALA A 32 21.26 23.23 -6.08
C ALA A 32 20.66 22.09 -5.28
N CYS A 33 20.72 22.16 -3.95
CA CYS A 33 20.05 21.14 -3.16
C CYS A 33 18.79 21.69 -2.49
N THR A 34 17.87 22.18 -3.30
CA THR A 34 16.53 22.47 -2.80
C THR A 34 15.84 21.17 -2.40
N PRO A 35 14.88 21.24 -1.46
CA PRO A 35 14.11 20.03 -1.11
C PRO A 35 13.49 19.35 -2.33
N GLU A 36 13.18 20.10 -3.38
CA GLU A 36 12.87 19.48 -4.66
C GLU A 36 13.98 18.56 -5.11
N ARG A 37 15.19 19.09 -5.27
CA ARG A 37 16.30 18.29 -5.79
C ARG A 37 16.68 17.17 -4.83
N MET A 38 16.60 17.43 -3.53
CA MET A 38 16.95 16.41 -2.56
C MET A 38 16.02 15.21 -2.66
N ALA A 39 14.72 15.47 -2.62
CA ALA A 39 13.72 14.42 -2.78
C ALA A 39 13.86 13.70 -4.11
N GLU A 40 13.95 14.44 -5.22
CA GLU A 40 14.14 13.77 -6.52
C GLU A 40 15.33 12.82 -6.47
N ALA A 41 16.31 13.14 -5.63
CA ALA A 41 17.48 12.31 -5.45
C ALA A 41 17.27 11.20 -4.41
N GLY A 42 16.04 11.06 -3.90
CA GLY A 42 15.76 10.02 -2.94
C GLY A 42 15.97 10.39 -1.48
N PHE A 43 16.40 11.60 -1.20
CA PHE A 43 16.69 11.92 0.19
C PHE A 43 15.44 12.26 0.97
N ILE A 44 15.54 12.09 2.26
CA ILE A 44 14.47 12.48 3.16
C ILE A 44 15.13 13.20 4.33
N HIS A 45 14.46 14.18 4.89
CA HIS A 45 15.10 14.98 5.91
C HIS A 45 14.94 14.28 7.24
N CYS A 46 16.03 13.84 7.85
CA CYS A 46 15.97 13.18 9.15
C CYS A 46 16.86 13.93 10.14
N PRO A 47 16.50 15.18 10.42
CA PRO A 47 17.37 16.06 11.20
C PRO A 47 17.43 15.70 12.67
N THR A 48 18.52 16.08 13.29
CA THR A 48 18.65 15.96 14.74
C THR A 48 19.09 17.29 15.34
N GLU A 49 19.02 17.37 16.67
CA GLU A 49 19.63 18.48 17.38
C GLU A 49 21.11 18.62 17.02
N ASN A 50 21.82 17.50 17.04
CA ASN A 50 23.26 17.44 16.84
C ASN A 50 23.67 17.36 15.37
N GLU A 51 22.73 17.13 14.46
CA GLU A 51 23.06 17.06 13.05
C GLU A 51 21.83 17.50 12.25
N PRO A 52 21.39 18.75 12.36
CA PRO A 52 20.17 19.16 11.65
C PRO A 52 20.35 19.24 10.15
N ASP A 53 21.53 18.92 9.66
CA ASP A 53 21.79 19.04 8.25
C ASP A 53 21.50 17.77 7.47
N LEU A 54 21.33 16.63 8.15
CA LEU A 54 21.48 15.35 7.47
C LEU A 54 20.18 14.84 6.88
N ALA A 55 20.30 14.26 5.70
CA ALA A 55 19.22 13.61 4.99
C ALA A 55 19.60 12.15 4.80
N GLN A 56 18.61 11.31 4.55
CA GLN A 56 18.84 9.88 4.39
C GLN A 56 18.13 9.39 3.15
N CYS A 57 18.80 8.55 2.39
CA CYS A 57 18.11 7.93 1.29
C CYS A 57 17.08 6.95 1.85
N PHE A 58 15.80 7.16 1.53
CA PHE A 58 14.75 6.30 2.05
C PHE A 58 14.91 4.86 1.60
N PHE A 59 15.70 4.62 0.55
CA PHE A 59 15.83 3.32 -0.08
C PHE A 59 17.10 2.59 0.32
N CYS A 60 18.27 3.22 0.14
CA CYS A 60 19.50 2.55 0.54
C CYS A 60 19.96 2.92 1.95
N PHE A 61 19.44 3.99 2.51
CA PHE A 61 19.62 4.38 3.91
C PHE A 61 20.95 5.03 4.18
N LYS A 62 21.75 5.38 3.17
CA LYS A 62 22.91 6.21 3.46
C LYS A 62 22.45 7.59 3.90
N GLU A 63 23.05 8.10 4.98
CA GLU A 63 22.76 9.42 5.54
C GLU A 63 23.90 10.37 5.19
N LEU A 64 23.58 11.64 5.00
CA LEU A 64 24.57 12.57 4.48
C LEU A 64 24.36 13.95 5.06
N GLU A 65 25.41 14.48 5.68
CA GLU A 65 25.49 15.82 6.21
C GLU A 65 26.55 16.58 5.42
N GLY A 66 26.91 17.77 5.91
CA GLY A 66 27.89 18.57 5.19
C GLY A 66 27.35 19.24 3.95
N TRP A 67 26.05 19.50 3.93
CA TRP A 67 25.39 20.03 2.76
C TRP A 67 25.69 21.52 2.62
N GLU A 68 26.09 21.93 1.41
CA GLU A 68 26.30 23.30 1.00
C GLU A 68 25.37 23.64 -0.14
N PRO A 69 25.07 24.92 -0.36
CA PRO A 69 24.01 25.28 -1.30
C PRO A 69 24.25 24.88 -2.75
N ASP A 70 25.49 24.69 -3.19
CA ASP A 70 25.66 24.28 -4.57
C ASP A 70 25.79 22.78 -4.77
N ASP A 71 25.50 21.98 -3.73
CA ASP A 71 25.57 20.54 -3.84
C ASP A 71 24.40 19.99 -4.66
N ASP A 72 24.69 19.13 -5.62
CA ASP A 72 23.69 18.39 -6.37
C ASP A 72 23.41 17.06 -5.68
N PRO A 73 22.28 16.92 -4.97
CA PRO A 73 22.07 15.71 -4.17
C PRO A 73 22.06 14.42 -4.96
N ILE A 74 21.75 14.45 -6.26
CA ILE A 74 21.92 13.25 -7.07
C ILE A 74 23.39 12.88 -7.18
N GLU A 75 24.24 13.86 -7.54
CA GLU A 75 25.66 13.59 -7.68
C GLU A 75 26.29 13.25 -6.33
N GLU A 76 25.79 13.84 -5.23
CA GLU A 76 26.27 13.42 -3.91
C GLU A 76 25.71 12.04 -3.56
N HIS A 77 24.52 11.71 -4.05
CA HIS A 77 24.00 10.37 -3.85
C HIS A 77 24.83 9.35 -4.61
N LYS A 78 25.01 9.57 -5.91
CA LYS A 78 25.75 8.60 -6.70
C LYS A 78 27.14 8.41 -6.11
N LYS A 79 27.69 9.46 -5.53
CA LYS A 79 29.02 9.40 -4.93
C LYS A 79 29.06 8.43 -3.74
N HIS A 80 28.30 8.74 -2.69
CA HIS A 80 28.45 8.02 -1.44
C HIS A 80 27.72 6.70 -1.40
N SER A 81 26.89 6.37 -2.40
CA SER A 81 26.16 5.09 -2.35
C SER A 81 25.85 4.62 -3.78
N SER A 82 26.90 4.26 -4.54
CA SER A 82 26.71 3.78 -5.91
C SER A 82 25.75 2.60 -5.96
N GLY A 83 25.86 1.70 -4.99
CA GLY A 83 25.07 0.49 -5.03
C GLY A 83 23.59 0.68 -4.83
N CYS A 84 23.15 1.93 -4.61
CA CYS A 84 21.75 2.21 -4.37
C CYS A 84 20.93 2.01 -5.63
N ALA A 85 19.88 1.17 -5.50
CA ALA A 85 19.06 0.76 -6.64
C ALA A 85 18.13 1.85 -7.14
N PHE A 86 17.66 2.74 -6.27
CA PHE A 86 16.86 3.87 -6.74
C PHE A 86 17.60 4.65 -7.83
N LEU A 87 18.89 4.91 -7.66
CA LEU A 87 19.61 5.70 -8.65
C LEU A 87 19.36 5.19 -10.07
N SER A 88 19.14 3.88 -10.23
CA SER A 88 18.86 3.35 -11.55
C SER A 88 17.40 3.48 -11.94
N VAL A 89 16.51 3.73 -10.98
CA VAL A 89 15.10 4.01 -11.29
C VAL A 89 15.01 5.27 -12.14
N LYS A 90 14.68 5.09 -13.41
CA LYS A 90 14.52 6.20 -14.35
C LYS A 90 13.07 6.55 -14.58
N LYS A 91 12.16 5.59 -14.41
CA LYS A 91 10.74 5.79 -14.63
C LYS A 91 10.12 6.63 -13.52
N GLN A 92 9.02 7.30 -13.86
CA GLN A 92 8.28 7.95 -12.81
C GLN A 92 7.62 6.86 -11.96
N PHE A 93 7.06 7.27 -10.82
CA PHE A 93 6.57 6.28 -9.85
C PHE A 93 5.35 5.53 -10.35
N GLU A 94 4.29 6.27 -10.70
CA GLU A 94 3.05 5.69 -11.19
C GLU A 94 3.21 4.99 -12.52
N GLU A 95 4.41 4.89 -13.07
CA GLU A 95 4.63 4.12 -14.28
C GLU A 95 5.29 2.80 -14.00
N LEU A 96 5.62 2.51 -12.75
CA LEU A 96 6.10 1.19 -12.44
C LEU A 96 4.96 0.18 -12.41
N THR A 97 5.24 -1.03 -12.87
CA THR A 97 4.31 -2.11 -12.61
C THR A 97 4.40 -2.49 -11.14
N LEU A 98 3.25 -2.89 -10.58
CA LEU A 98 3.25 -3.35 -9.21
C LEU A 98 4.21 -4.49 -9.02
N GLY A 99 4.59 -5.15 -10.10
CA GLY A 99 5.63 -6.14 -10.01
C GLY A 99 6.98 -5.53 -9.73
N GLU A 100 7.41 -4.61 -10.60
CA GLU A 100 8.69 -3.95 -10.33
C GLU A 100 8.64 -3.21 -9.02
N PHE A 101 7.54 -2.49 -8.75
CA PHE A 101 7.48 -1.77 -7.49
C PHE A 101 7.70 -2.71 -6.33
N LEU A 102 7.04 -3.86 -6.37
CA LEU A 102 7.18 -4.79 -5.26
C LEU A 102 8.58 -5.31 -5.16
N LYS A 103 9.26 -5.45 -6.31
CA LYS A 103 10.64 -5.90 -6.28
C LYS A 103 11.51 -4.87 -5.58
N LEU A 104 11.27 -3.59 -5.84
CA LEU A 104 12.05 -2.55 -5.19
C LEU A 104 11.91 -2.62 -3.68
N ASP A 105 10.68 -2.55 -3.19
CA ASP A 105 10.48 -2.59 -1.75
C ASP A 105 11.11 -3.84 -1.15
N ARG A 106 11.18 -4.94 -1.91
CA ARG A 106 11.89 -6.12 -1.45
C ARG A 106 13.35 -5.78 -1.20
N GLU A 107 13.98 -5.15 -2.18
CA GLU A 107 15.36 -4.73 -2.02
C GLU A 107 15.49 -3.68 -0.93
N ARG A 108 14.53 -2.76 -0.84
CA ARG A 108 14.62 -1.73 0.19
C ARG A 108 14.54 -2.33 1.59
N ALA A 109 13.63 -3.29 1.79
CA ALA A 109 13.62 -3.99 3.07
C ALA A 109 14.97 -4.66 3.33
N LYS A 110 15.59 -5.19 2.28
CA LYS A 110 16.94 -5.72 2.42
C LYS A 110 17.89 -4.64 2.92
N ASN A 111 17.96 -3.52 2.21
CA ASN A 111 18.86 -2.45 2.56
C ASN A 111 18.72 -2.02 4.01
N LYS A 112 17.49 -2.08 4.54
CA LYS A 112 17.25 -1.66 5.93
C LYS A 112 17.87 -2.66 6.90
N ILE A 113 17.75 -3.94 6.59
CA ILE A 113 18.37 -4.96 7.42
C ILE A 113 19.87 -4.85 7.38
N ALA A 114 20.44 -4.67 6.19
CA ALA A 114 21.87 -4.38 6.08
C ALA A 114 22.28 -3.24 7.00
N LYS A 115 21.58 -2.09 6.90
CA LYS A 115 21.88 -0.98 7.79
C LYS A 115 21.77 -1.39 9.25
N GLU A 116 20.78 -2.22 9.58
CA GLU A 116 20.62 -2.66 10.95
C GLU A 116 21.85 -3.45 11.42
N THR A 117 22.27 -4.44 10.64
CA THR A 117 23.42 -5.22 11.09
C THR A 117 24.68 -4.35 11.09
N ASN A 118 24.95 -3.65 9.98
CA ASN A 118 26.07 -2.73 9.95
C ASN A 118 26.07 -1.83 11.18
N ASN A 119 24.90 -1.42 11.63
CA ASN A 119 24.89 -0.56 12.80
C ASN A 119 25.13 -1.38 14.06
N LYS A 120 24.44 -2.51 14.18
CA LYS A 120 24.68 -3.38 15.32
C LYS A 120 26.16 -3.69 15.44
N LYS A 121 26.84 -3.86 14.31
CA LYS A 121 28.27 -4.17 14.35
C LYS A 121 29.07 -2.97 14.86
N LYS A 122 28.77 -1.78 14.36
CA LYS A 122 29.50 -0.60 14.79
C LYS A 122 29.31 -0.37 16.28
N GLU A 123 28.09 -0.57 16.79
CA GLU A 123 27.87 -0.46 18.23
C GLU A 123 28.75 -1.43 19.00
N PHE A 124 28.96 -2.61 18.43
CA PHE A 124 29.70 -3.65 19.15
C PHE A 124 31.18 -3.33 19.22
N GLU A 125 31.82 -3.11 18.06
CA GLU A 125 33.21 -2.68 18.07
C GLU A 125 33.42 -1.51 19.03
N GLU A 126 32.41 -0.65 19.16
CA GLU A 126 32.48 0.44 20.11
C GLU A 126 32.61 -0.08 21.53
N THR A 127 31.63 -0.86 21.99
CA THR A 127 31.69 -1.35 23.36
C THR A 127 32.83 -2.33 23.57
N ALA A 128 33.34 -2.94 22.50
CA ALA A 128 34.60 -3.64 22.61
C ALA A 128 35.70 -2.68 23.03
N LYS A 129 35.91 -1.62 22.25
CA LYS A 129 36.93 -0.64 22.58
C LYS A 129 36.86 -0.24 24.05
N LYS A 130 35.67 0.05 24.55
CA LYS A 130 35.58 0.45 25.94
C LYS A 130 36.02 -0.68 26.84
N VAL A 131 35.80 -1.90 26.41
CA VAL A 131 36.16 -3.04 27.26
C VAL A 131 37.64 -3.33 27.17
N ARG A 132 38.21 -3.25 25.97
CA ARG A 132 39.65 -3.40 25.84
C ARG A 132 40.40 -2.34 26.61
N ARG A 133 40.06 -1.06 26.38
CA ARG A 133 40.72 0.03 27.09
C ARG A 133 40.54 -0.12 28.59
N ALA A 134 39.40 -0.65 29.03
CA ALA A 134 39.18 -0.90 30.45
C ALA A 134 40.18 -1.89 31.00
N ILE A 135 40.37 -2.97 30.27
CA ILE A 135 41.28 -4.04 30.72
C ILE A 135 42.70 -3.55 30.76
N GLU A 136 43.14 -2.90 29.67
CA GLU A 136 44.50 -2.37 29.61
C GLU A 136 44.83 -1.49 30.80
N GLN A 137 43.90 -0.61 31.20
CA GLN A 137 44.16 0.24 32.33
C GLN A 137 44.32 -0.57 33.60
N LEU A 138 43.70 -1.74 33.67
CA LEU A 138 43.83 -2.63 34.80
C LEU A 138 45.13 -3.45 34.79
N ALA A 139 45.85 -3.46 33.66
CA ALA A 139 47.20 -4.00 33.65
C ALA A 139 48.14 -3.17 34.52
N ALA A 140 48.21 -1.86 34.26
CA ALA A 140 48.98 -0.89 35.07
C ALA A 140 48.61 -0.93 36.55
N LEU B 6 2.66 -7.53 1.62
CA LEU B 6 1.44 -7.28 0.85
C LEU B 6 0.39 -6.62 1.75
N PRO B 7 0.22 -5.30 1.61
CA PRO B 7 -0.48 -4.51 2.64
C PRO B 7 -1.87 -5.08 2.87
N PRO B 8 -2.15 -5.59 4.07
CA PRO B 8 -3.37 -6.39 4.25
C PRO B 8 -4.66 -5.68 3.85
N ALA B 9 -4.70 -4.35 3.92
CA ALA B 9 -5.88 -3.62 3.49
C ALA B 9 -6.09 -3.68 1.98
N TRP B 10 -5.03 -3.90 1.21
CA TRP B 10 -5.14 -3.86 -0.24
C TRP B 10 -5.02 -5.26 -0.83
N GLN B 11 -5.21 -6.27 0.00
CA GLN B 11 -5.05 -7.69 -0.33
C GLN B 11 -6.11 -8.27 -1.24
N PRO B 12 -7.39 -7.89 -1.11
CA PRO B 12 -8.42 -8.44 -2.01
C PRO B 12 -8.16 -8.24 -3.48
N PHE B 13 -7.18 -7.42 -3.87
CA PHE B 13 -6.86 -7.42 -5.29
C PHE B 13 -6.13 -8.67 -5.71
N LEU B 14 -5.85 -9.56 -4.74
CA LEU B 14 -5.06 -10.77 -4.94
C LEU B 14 -5.95 -11.99 -5.05
N LYS B 15 -5.99 -12.59 -6.25
CA LYS B 15 -6.86 -13.73 -6.51
C LYS B 15 -6.66 -14.81 -5.47
N ASP B 16 -5.42 -15.12 -5.14
CA ASP B 16 -5.19 -16.15 -4.14
C ASP B 16 -5.81 -15.74 -2.82
N HIS B 17 -5.69 -14.45 -2.48
CA HIS B 17 -6.32 -14.01 -1.25
C HIS B 17 -7.82 -14.20 -1.34
N ARG B 18 -8.39 -13.84 -2.48
CA ARG B 18 -9.81 -14.04 -2.71
C ARG B 18 -10.18 -15.51 -2.53
N ILE B 19 -9.39 -16.41 -3.12
CA ILE B 19 -9.62 -17.84 -2.94
C ILE B 19 -9.59 -18.20 -1.46
N SER B 20 -8.54 -17.76 -0.75
CA SER B 20 -8.42 -18.09 0.67
C SER B 20 -9.63 -17.67 1.47
N THR B 21 -10.44 -16.72 0.98
CA THR B 21 -11.60 -16.26 1.75
C THR B 21 -12.69 -17.30 1.85
N PHE B 22 -12.75 -18.23 0.88
CA PHE B 22 -13.82 -19.23 0.83
C PHE B 22 -13.60 -20.27 1.90
N LYS B 23 -14.29 -20.10 3.03
CA LYS B 23 -14.25 -21.05 4.13
C LYS B 23 -15.38 -22.06 3.93
N ASN B 24 -15.02 -23.31 3.66
CA ASN B 24 -16.04 -24.34 3.47
C ASN B 24 -17.01 -23.96 2.34
N TRP B 25 -16.51 -23.30 1.30
CA TRP B 25 -17.35 -23.04 0.13
C TRP B 25 -17.88 -24.37 -0.38
N PRO B 26 -19.22 -24.54 -0.47
CA PRO B 26 -19.78 -25.87 -0.78
C PRO B 26 -19.34 -26.45 -2.11
N PHE B 27 -19.34 -25.66 -3.17
CA PHE B 27 -19.19 -26.17 -4.53
C PHE B 27 -17.71 -26.28 -4.87
N LEU B 28 -17.29 -27.44 -5.36
CA LEU B 28 -15.88 -27.68 -5.64
C LEU B 28 -15.70 -28.23 -7.05
N GLU B 29 -14.74 -29.16 -7.19
CA GLU B 29 -14.53 -29.85 -8.45
C GLU B 29 -15.82 -30.45 -8.98
N GLY B 30 -15.93 -30.46 -10.30
CA GLY B 30 -17.14 -30.87 -10.97
C GLY B 30 -18.15 -29.77 -11.13
N CYS B 31 -17.95 -28.65 -10.44
CA CYS B 31 -18.85 -27.51 -10.52
C CYS B 31 -18.17 -26.38 -11.28
N ALA B 32 -19.00 -25.55 -11.92
CA ALA B 32 -18.52 -24.45 -12.73
C ALA B 32 -18.24 -23.19 -11.92
N CYS B 33 -18.82 -23.06 -10.72
CA CYS B 33 -18.41 -21.95 -9.87
C CYS B 33 -17.56 -22.50 -8.74
N THR B 34 -16.47 -23.16 -9.12
CA THR B 34 -15.47 -23.50 -8.13
C THR B 34 -14.98 -22.19 -7.51
N PRO B 35 -14.60 -22.21 -6.24
CA PRO B 35 -14.14 -20.97 -5.61
C PRO B 35 -12.99 -20.29 -6.35
N GLU B 36 -12.18 -21.03 -7.09
CA GLU B 36 -11.20 -20.39 -7.97
C GLU B 36 -11.90 -19.48 -8.97
N ARG B 37 -12.89 -20.03 -9.68
CA ARG B 37 -13.67 -19.29 -10.66
C ARG B 37 -14.39 -18.11 -10.01
N MET B 38 -14.78 -18.25 -8.75
CA MET B 38 -15.37 -17.14 -7.99
C MET B 38 -14.35 -16.03 -7.71
N ALA B 39 -13.24 -16.38 -7.11
CA ALA B 39 -12.19 -15.39 -6.87
C ALA B 39 -11.74 -14.75 -8.18
N GLU B 40 -11.62 -15.55 -9.23
CA GLU B 40 -11.32 -15.06 -10.57
C GLU B 40 -12.31 -13.97 -10.99
N ALA B 41 -13.55 -14.05 -10.51
CA ALA B 41 -14.56 -13.06 -10.81
C ALA B 41 -14.59 -11.93 -9.80
N GLY B 42 -13.67 -11.93 -8.85
CA GLY B 42 -13.61 -10.88 -7.86
C GLY B 42 -14.39 -11.17 -6.61
N PHE B 43 -15.06 -12.31 -6.51
CA PHE B 43 -15.91 -12.55 -5.35
C PHE B 43 -15.10 -13.04 -4.16
N ILE B 44 -15.61 -12.76 -2.97
CA ILE B 44 -15.05 -13.23 -1.72
C ILE B 44 -16.19 -13.76 -0.87
N HIS B 45 -15.88 -14.74 -0.05
CA HIS B 45 -16.90 -15.48 0.70
C HIS B 45 -17.32 -14.75 1.96
N CYS B 46 -18.62 -14.54 2.11
CA CYS B 46 -19.21 -13.88 3.28
C CYS B 46 -20.20 -14.83 3.93
N PRO B 47 -19.73 -15.90 4.56
CA PRO B 47 -20.69 -16.89 5.07
C PRO B 47 -21.49 -16.29 6.22
N THR B 48 -22.77 -16.63 6.28
CA THR B 48 -23.62 -16.17 7.37
C THR B 48 -24.42 -17.35 7.92
N GLU B 49 -25.15 -17.10 9.01
CA GLU B 49 -26.11 -18.08 9.50
C GLU B 49 -27.06 -18.48 8.37
N ASN B 50 -27.76 -17.49 7.79
CA ASN B 50 -28.57 -17.72 6.61
C ASN B 50 -27.72 -17.44 5.39
N GLU B 51 -28.09 -18.04 4.27
CA GLU B 51 -27.39 -17.93 2.99
C GLU B 51 -25.86 -17.99 3.15
N PRO B 52 -25.32 -19.12 3.67
CA PRO B 52 -23.86 -19.25 3.80
C PRO B 52 -23.18 -19.42 2.45
N ASP B 53 -23.97 -19.32 1.39
CA ASP B 53 -23.50 -19.40 0.01
C ASP B 53 -23.24 -18.01 -0.58
N LEU B 54 -23.41 -16.93 0.20
CA LEU B 54 -23.40 -15.60 -0.40
C LEU B 54 -21.96 -15.15 -0.52
N ALA B 55 -21.64 -14.53 -1.65
CA ALA B 55 -20.34 -13.95 -1.89
C ALA B 55 -20.50 -12.48 -2.28
N GLN B 56 -19.40 -11.74 -2.16
CA GLN B 56 -19.39 -10.32 -2.45
C GLN B 56 -18.21 -10.00 -3.36
N CYS B 57 -18.47 -9.20 -4.39
CA CYS B 57 -17.38 -8.67 -5.19
C CYS B 57 -16.54 -7.69 -4.37
N PHE B 58 -15.25 -7.99 -4.23
CA PHE B 58 -14.36 -7.13 -3.42
C PHE B 58 -14.31 -5.69 -3.93
N PHE B 59 -14.67 -5.48 -5.19
CA PHE B 59 -14.49 -4.18 -5.83
C PHE B 59 -15.79 -3.40 -5.93
N CYS B 60 -16.85 -4.01 -6.46
CA CYS B 60 -18.08 -3.27 -6.56
C CYS B 60 -18.99 -3.46 -5.35
N PHE B 61 -18.82 -4.57 -4.62
CA PHE B 61 -19.53 -4.87 -3.38
C PHE B 61 -20.92 -5.43 -3.61
N LYS B 62 -21.30 -5.75 -4.85
CA LYS B 62 -22.57 -6.41 -5.10
C LYS B 62 -22.54 -7.75 -4.42
N GLU B 63 -23.60 -8.08 -3.70
CA GLU B 63 -23.70 -9.36 -3.01
C GLU B 63 -24.64 -10.26 -3.79
N LEU B 64 -24.36 -11.56 -3.75
CA LEU B 64 -25.03 -12.49 -4.65
C LEU B 64 -25.13 -13.85 -3.99
N GLU B 65 -26.35 -14.38 -3.92
CA GLU B 65 -26.60 -15.74 -3.49
C GLU B 65 -27.33 -16.50 -4.60
N GLY B 66 -27.96 -17.61 -4.23
CA GLY B 66 -28.70 -18.41 -5.18
C GLY B 66 -27.77 -19.19 -6.06
N TRP B 67 -26.56 -19.45 -5.57
CA TRP B 67 -25.52 -20.02 -6.41
C TRP B 67 -25.80 -21.47 -6.69
N GLU B 68 -25.73 -21.83 -7.95
CA GLU B 68 -25.85 -23.20 -8.41
C GLU B 68 -24.57 -23.60 -9.12
N PRO B 69 -24.26 -24.89 -9.15
CA PRO B 69 -22.94 -25.30 -9.65
C PRO B 69 -22.68 -24.91 -11.09
N ASP B 70 -23.72 -24.75 -11.91
CA ASP B 70 -23.50 -24.37 -13.30
C ASP B 70 -23.60 -22.87 -13.53
N ASP B 71 -23.63 -22.08 -12.47
CA ASP B 71 -23.60 -20.62 -12.59
C ASP B 71 -22.18 -20.18 -12.93
N ASP B 72 -22.03 -19.31 -13.92
CA ASP B 72 -20.72 -18.72 -14.25
C ASP B 72 -20.49 -17.41 -13.49
N PRO B 73 -19.66 -17.43 -12.44
CA PRO B 73 -19.54 -16.23 -11.58
C PRO B 73 -19.15 -14.97 -12.33
N ILE B 74 -18.49 -15.11 -13.48
CA ILE B 74 -18.32 -13.95 -14.35
C ILE B 74 -19.67 -13.53 -14.93
N GLU B 75 -20.43 -14.49 -15.46
CA GLU B 75 -21.71 -14.13 -16.06
C GLU B 75 -22.66 -13.53 -15.04
N GLU B 76 -22.60 -14.00 -13.79
CA GLU B 76 -23.49 -13.43 -12.79
C GLU B 76 -23.01 -12.06 -12.32
N HIS B 77 -21.69 -11.82 -12.34
CA HIS B 77 -21.15 -10.51 -11.99
C HIS B 77 -21.54 -9.45 -13.03
N LYS B 78 -21.36 -9.77 -14.33
CA LYS B 78 -21.75 -8.79 -15.35
C LYS B 78 -23.24 -8.52 -15.30
N LYS B 79 -24.02 -9.56 -15.02
CA LYS B 79 -25.48 -9.44 -14.99
C LYS B 79 -25.91 -8.52 -13.85
N HIS B 80 -25.61 -8.90 -12.62
CA HIS B 80 -26.10 -8.16 -11.47
C HIS B 80 -25.28 -6.92 -11.15
N SER B 81 -24.12 -6.73 -11.79
CA SER B 81 -23.36 -5.53 -11.54
C SER B 81 -22.54 -5.17 -12.79
N SER B 82 -23.26 -4.83 -13.86
CA SER B 82 -22.61 -4.40 -15.10
C SER B 82 -21.64 -3.25 -14.84
N GLY B 83 -21.95 -2.37 -13.88
CA GLY B 83 -21.11 -1.23 -13.59
C GLY B 83 -19.79 -1.53 -12.90
N CYS B 84 -19.51 -2.79 -12.59
CA CYS B 84 -18.29 -3.11 -11.86
C CYS B 84 -17.06 -2.89 -12.73
N ALA B 85 -16.13 -2.08 -12.23
CA ALA B 85 -14.94 -1.72 -12.99
C ALA B 85 -13.96 -2.87 -13.10
N PHE B 86 -13.87 -3.67 -12.03
CA PHE B 86 -12.99 -4.84 -11.98
C PHE B 86 -13.19 -5.76 -13.18
N LEU B 87 -14.45 -6.05 -13.52
CA LEU B 87 -14.77 -6.90 -14.66
C LEU B 87 -14.01 -6.47 -15.89
N SER B 88 -13.67 -5.20 -15.97
CA SER B 88 -12.95 -4.67 -17.12
C SER B 88 -11.44 -4.88 -17.01
N VAL B 89 -10.91 -5.09 -15.80
CA VAL B 89 -9.49 -5.36 -15.61
C VAL B 89 -9.10 -6.62 -16.37
N LYS B 90 -8.25 -6.48 -17.38
CA LYS B 90 -7.85 -7.66 -18.11
C LYS B 90 -6.47 -8.18 -17.73
N LYS B 91 -5.54 -7.30 -17.37
CA LYS B 91 -4.19 -7.68 -17.01
C LYS B 91 -4.15 -8.26 -15.59
N GLN B 92 -3.12 -9.07 -15.32
CA GLN B 92 -2.89 -9.58 -13.98
C GLN B 92 -2.49 -8.43 -13.06
N PHE B 93 -2.46 -8.73 -11.75
CA PHE B 93 -2.30 -7.67 -10.75
C PHE B 93 -0.91 -7.04 -10.83
N GLU B 94 0.12 -7.85 -10.77
CA GLU B 94 1.48 -7.38 -10.86
C GLU B 94 1.78 -6.84 -12.18
N GLU B 95 0.78 -6.77 -13.06
CA GLU B 95 0.98 -6.23 -14.40
C GLU B 95 0.38 -4.85 -14.57
N LEU B 96 -0.32 -4.35 -13.55
CA LEU B 96 -0.86 -2.99 -13.54
C LEU B 96 0.22 -1.97 -13.18
N THR B 97 0.17 -0.80 -13.82
CA THR B 97 0.95 0.32 -13.35
C THR B 97 0.28 0.92 -12.11
N LEU B 98 1.11 1.42 -11.20
CA LEU B 98 0.57 2.05 -9.99
C LEU B 98 -0.36 3.21 -10.30
N GLY B 99 -0.26 3.77 -11.50
CA GLY B 99 -1.26 4.73 -11.90
C GLY B 99 -2.60 4.08 -12.05
N GLU B 100 -2.65 3.01 -12.86
CA GLU B 100 -3.89 2.26 -13.01
C GLU B 100 -4.37 1.76 -11.66
N PHE B 101 -3.49 1.09 -10.92
CA PHE B 101 -3.90 0.51 -9.64
C PHE B 101 -4.42 1.55 -8.68
N LEU B 102 -3.74 2.69 -8.58
CA LEU B 102 -4.24 3.70 -7.66
C LEU B 102 -5.58 4.23 -8.11
N LYS B 103 -5.83 4.27 -9.43
CA LYS B 103 -7.15 4.66 -9.90
C LYS B 103 -8.20 3.65 -9.46
N LEU B 104 -7.87 2.36 -9.53
CA LEU B 104 -8.81 1.34 -9.09
C LEU B 104 -9.15 1.51 -7.63
N ASP B 105 -8.15 1.42 -6.77
CA ASP B 105 -8.42 1.49 -5.34
C ASP B 105 -9.18 2.74 -4.98
N ARG B 106 -8.93 3.84 -5.71
CA ARG B 106 -9.72 5.05 -5.52
C ARG B 106 -11.17 4.80 -5.91
N GLU B 107 -11.39 4.22 -7.10
CA GLU B 107 -12.76 3.94 -7.52
C GLU B 107 -13.41 2.96 -6.59
N ARG B 108 -12.68 1.94 -6.16
CA ARG B 108 -13.22 0.93 -5.25
C ARG B 108 -13.66 1.54 -3.94
N ALA B 109 -12.82 2.40 -3.34
CA ALA B 109 -13.24 3.07 -2.12
C ALA B 109 -14.55 3.82 -2.32
N LYS B 110 -14.69 4.47 -3.49
CA LYS B 110 -15.95 5.10 -3.84
C LYS B 110 -17.08 4.07 -3.84
N ASN B 111 -16.93 3.00 -4.63
CA ASN B 111 -17.95 1.96 -4.65
C ASN B 111 -18.37 1.55 -3.25
N LYS B 112 -17.42 1.64 -2.30
CA LYS B 112 -17.71 1.28 -0.91
C LYS B 112 -18.57 2.34 -0.22
N ILE B 113 -18.31 3.61 -0.50
CA ILE B 113 -19.17 4.66 0.06
C ILE B 113 -20.59 4.51 -0.47
N ALA B 114 -20.71 4.30 -1.79
CA ALA B 114 -22.00 4.03 -2.40
C ALA B 114 -22.77 2.95 -1.65
N LYS B 115 -22.14 1.80 -1.43
CA LYS B 115 -22.81 0.72 -0.70
C LYS B 115 -23.27 1.21 0.67
N GLU B 116 -22.40 1.92 1.37
CA GLU B 116 -22.76 2.45 2.69
C GLU B 116 -23.86 3.49 2.57
N THR B 117 -23.74 4.43 1.63
CA THR B 117 -24.73 5.49 1.46
C THR B 117 -26.11 4.92 1.16
N ASN B 118 -26.21 4.06 0.15
CA ASN B 118 -27.46 3.36 -0.15
C ASN B 118 -28.02 2.69 1.10
N ASN B 119 -27.13 2.14 1.92
CA ASN B 119 -27.58 1.36 3.07
C ASN B 119 -28.12 2.24 4.17
N LYS B 120 -27.41 3.33 4.50
CA LYS B 120 -27.95 4.32 5.43
C LYS B 120 -29.27 4.87 4.95
N LYS B 121 -29.38 5.11 3.64
CA LYS B 121 -30.61 5.65 3.08
C LYS B 121 -31.78 4.69 3.26
N LYS B 122 -31.58 3.40 2.95
CA LYS B 122 -32.65 2.44 3.17
C LYS B 122 -32.98 2.32 4.65
N GLU B 123 -31.96 2.25 5.51
CA GLU B 123 -32.25 2.20 6.93
C GLU B 123 -33.05 3.42 7.36
N PHE B 124 -32.79 4.58 6.74
CA PHE B 124 -33.51 5.81 7.09
C PHE B 124 -34.96 5.75 6.64
N GLU B 125 -35.18 5.54 5.34
CA GLU B 125 -36.54 5.42 4.82
C GLU B 125 -37.34 4.43 5.63
N GLU B 126 -36.68 3.38 6.13
CA GLU B 126 -37.39 2.41 6.95
C GLU B 126 -37.93 3.08 8.21
N THR B 127 -37.04 3.68 9.00
CA THR B 127 -37.49 4.34 10.22
C THR B 127 -38.38 5.52 9.89
N ALA B 128 -38.21 6.11 8.72
CA ALA B 128 -39.16 7.10 8.24
C ALA B 128 -40.55 6.50 8.10
N LYS B 129 -40.70 5.47 7.25
CA LYS B 129 -41.98 4.80 7.11
C LYS B 129 -42.56 4.41 8.46
N LYS B 130 -41.70 3.92 9.36
CA LYS B 130 -42.17 3.46 10.66
C LYS B 130 -42.76 4.61 11.50
N VAL B 131 -42.20 5.82 11.41
CA VAL B 131 -42.70 6.85 12.32
C VAL B 131 -44.00 7.47 11.82
N ARG B 132 -44.14 7.70 10.51
CA ARG B 132 -45.41 8.23 10.03
C ARG B 132 -46.56 7.28 10.37
N ARG B 133 -46.36 5.97 10.21
CA ARG B 133 -47.42 5.04 10.61
C ARG B 133 -47.83 5.28 12.06
N ALA B 134 -46.87 5.50 12.95
CA ALA B 134 -47.21 5.77 14.33
C ALA B 134 -48.00 7.06 14.46
N ILE B 135 -47.56 8.09 13.74
CA ILE B 135 -48.23 9.38 13.81
C ILE B 135 -49.64 9.27 13.25
N GLU B 136 -49.77 8.62 12.08
CA GLU B 136 -51.08 8.40 11.49
C GLU B 136 -52.02 7.78 12.50
N GLN B 137 -51.51 6.83 13.28
CA GLN B 137 -52.33 6.15 14.27
C GLN B 137 -52.86 7.10 15.35
N LEU B 138 -52.19 8.23 15.62
CA LEU B 138 -52.77 9.22 16.54
C LEU B 138 -53.89 10.05 15.93
N ALA B 139 -53.98 10.11 14.60
CA ALA B 139 -55.13 10.76 13.98
C ALA B 139 -56.42 10.05 14.39
N ALA B 140 -56.42 8.73 14.31
CA ALA B 140 -57.50 7.87 14.77
C ALA B 140 -57.89 8.17 16.22
ZN ZN C . 19.77 5.88 -1.93
ZN ZN D . -17.80 -5.87 -9.04
#